data_6IS9
#
_entry.id   6IS9
#
_cell.length_a   46.373
_cell.length_b   74.604
_cell.length_c   97.381
_cell.angle_alpha   90.000
_cell.angle_beta   90.000
_cell.angle_gamma   90.000
#
_symmetry.space_group_name_H-M   'P 21 21 21'
#
loop_
_entity.id
_entity.type
_entity.pdbx_description
1 polymer 'Monokaryotic chloroplast 1'
2 water water
#
_entity_poly.entity_id   1
_entity_poly.type   'polypeptide(L)'
_entity_poly.pdbx_seq_one_letter_code
;GPLGSGRPTPRSRASAKARAKLLAEVEARDPWLASLSLLPTDDIPSADATTNGWVIGVDPDIGGAIAVLSPDGSSQVFDN
PFVHIVVSEVIRKRLDTKSIIQLLRGLDAPPGTTAYIEKSSPFPTDGKQGWWSTGFSYGLWIASLVASGFSVVPIASQTW
KAYFGLMRSETPKDDSRQAASILFPDKDQSLKLKKHHGRAEALLLAAYGKGLVLPSGKFSKTSV
;
_entity_poly.pdbx_strand_id   A,B
#
# COMPACT_ATOMS: atom_id res chain seq x y z
N ASP A 30 -11.52 14.76 10.02
CA ASP A 30 -10.46 14.45 9.04
C ASP A 30 -10.69 13.08 8.43
N PRO A 31 -11.36 13.04 7.27
CA PRO A 31 -11.67 11.74 6.65
C PRO A 31 -10.45 10.92 6.27
N TRP A 32 -9.35 11.57 5.88
CA TRP A 32 -8.16 10.82 5.49
C TRP A 32 -7.57 10.09 6.70
N LEU A 33 -7.41 10.80 7.81
CA LEU A 33 -6.84 10.16 8.99
C LEU A 33 -7.79 9.09 9.52
N ALA A 34 -9.10 9.33 9.46
CA ALA A 34 -10.03 8.31 9.94
C ALA A 34 -10.04 7.07 9.04
N SER A 35 -9.66 7.19 7.77
CA SER A 35 -9.59 6.03 6.90
C SER A 35 -8.37 5.17 7.18
N LEU A 36 -7.48 5.60 8.07
CA LEU A 36 -6.22 4.91 8.31
C LEU A 36 -6.23 4.06 9.57
N SER A 37 -7.42 3.73 10.07
CA SER A 37 -7.53 2.89 11.26
C SER A 37 -8.90 2.23 11.26
N LEU A 38 -8.93 0.94 11.61
CA LEU A 38 -10.22 0.30 11.88
C LEU A 38 -10.89 0.84 13.12
N LEU A 39 -10.15 1.44 14.00
CA LEU A 39 -10.66 1.96 15.25
C LEU A 39 -11.01 3.44 15.10
N PRO A 40 -11.96 3.93 15.89
CA PRO A 40 -12.32 5.35 15.79
C PRO A 40 -11.16 6.25 16.21
N THR A 41 -11.15 7.45 15.65
CA THR A 41 -10.11 8.43 15.94
C THR A 41 -10.73 9.68 16.55
N GLY A 53 0.91 1.00 25.85
CA GLY A 53 2.23 1.62 25.82
C GLY A 53 3.12 1.17 24.68
N TRP A 54 2.54 0.52 23.69
CA TRP A 54 3.26 0.11 22.49
C TRP A 54 3.24 1.23 21.47
N VAL A 55 4.29 1.30 20.65
CA VAL A 55 4.34 2.22 19.51
C VAL A 55 5.06 1.55 18.36
N ILE A 56 4.64 1.83 17.14
CA ILE A 56 5.31 1.32 15.95
C ILE A 56 5.77 2.52 15.13
N GLY A 57 6.95 2.41 14.54
CA GLY A 57 7.43 3.40 13.58
C GLY A 57 7.87 2.70 12.30
N VAL A 58 7.47 3.28 11.17
CA VAL A 58 7.76 2.65 9.88
C VAL A 58 8.38 3.68 8.94
N ASP A 59 9.54 3.34 8.40
CA ASP A 59 10.09 4.05 7.24
C ASP A 59 9.75 3.20 6.03
N PRO A 60 8.79 3.61 5.20
CA PRO A 60 8.16 2.67 4.27
C PRO A 60 8.92 2.43 2.97
N ASP A 61 10.03 3.12 2.75
CA ASP A 61 10.74 2.98 1.49
C ASP A 61 11.47 1.64 1.40
N ILE A 62 11.81 1.25 0.17
CA ILE A 62 12.88 0.26 0.00
C ILE A 62 14.11 0.78 0.73
N GLY A 63 14.71 -0.07 1.54
CA GLY A 63 15.80 0.36 2.39
C GLY A 63 15.38 0.86 3.75
N GLY A 64 14.07 0.94 4.00
CA GLY A 64 13.55 1.36 5.29
C GLY A 64 13.43 0.21 6.27
N ALA A 65 12.60 0.41 7.29
CA ALA A 65 12.55 -0.51 8.42
C ALA A 65 11.25 -0.30 9.18
N ILE A 66 10.96 -1.24 10.08
CA ILE A 66 9.87 -1.07 11.04
C ILE A 66 10.42 -1.29 12.43
N ALA A 67 10.12 -0.38 13.34
CA ALA A 67 10.56 -0.44 14.72
C ALA A 67 9.34 -0.61 15.62
N VAL A 68 9.51 -1.39 16.68
CA VAL A 68 8.41 -1.69 17.60
C VAL A 68 8.92 -1.41 19.00
N LEU A 69 8.24 -0.52 19.73
CA LEU A 69 8.62 -0.18 21.09
C LEU A 69 7.59 -0.76 22.05
N SER A 70 8.07 -1.48 23.07
CA SER A 70 7.25 -2.20 24.02
C SER A 70 7.01 -1.36 25.28
N PRO A 71 5.92 -1.57 26.01
CA PRO A 71 5.72 -0.83 27.26
C PRO A 71 6.82 -1.07 28.27
N ASP A 72 7.52 -2.21 28.21
CA ASP A 72 8.58 -2.47 29.18
C ASP A 72 9.90 -1.80 28.80
N GLY A 73 9.91 -0.97 27.77
CA GLY A 73 11.12 -0.25 27.41
C GLY A 73 12.02 -0.95 26.42
N SER A 74 11.66 -2.15 25.95
CA SER A 74 12.50 -2.80 24.96
C SER A 74 12.10 -2.36 23.54
N SER A 75 12.97 -2.64 22.59
CA SER A 75 12.77 -2.21 21.21
C SER A 75 13.16 -3.35 20.29
N GLN A 76 12.53 -3.38 19.12
CA GLN A 76 12.94 -4.26 18.03
C GLN A 76 12.92 -3.45 16.75
N VAL A 77 13.76 -3.83 15.80
CA VAL A 77 13.73 -3.19 14.48
C VAL A 77 14.06 -4.24 13.43
N PHE A 78 13.34 -4.17 12.31
CA PHE A 78 13.41 -5.13 11.22
C PHE A 78 13.61 -4.36 9.91
N ASP A 79 14.52 -4.84 9.07
CA ASP A 79 14.65 -4.28 7.72
C ASP A 79 13.41 -4.59 6.88
N ASN A 80 13.03 -3.65 6.01
CA ASN A 80 11.88 -3.88 5.14
C ASN A 80 12.17 -5.03 4.17
N PRO A 81 11.34 -6.06 4.12
CA PRO A 81 11.61 -7.16 3.18
C PRO A 81 11.34 -6.71 1.75
N PHE A 82 12.22 -7.13 0.85
CA PHE A 82 12.13 -6.74 -0.56
C PHE A 82 12.51 -7.92 -1.43
N VAL A 83 12.17 -7.81 -2.71
CA VAL A 83 12.66 -8.72 -3.73
C VAL A 83 13.24 -7.89 -4.87
N HIS A 84 14.08 -8.53 -5.67
CA HIS A 84 14.52 -7.95 -6.92
C HIS A 84 13.52 -8.31 -8.01
N ILE A 85 13.28 -7.37 -8.92
CA ILE A 85 12.32 -7.58 -9.98
C ILE A 85 12.81 -6.84 -11.20
N VAL A 86 12.50 -7.35 -12.39
CA VAL A 86 12.88 -6.70 -13.63
C VAL A 86 11.64 -5.99 -14.16
N VAL A 87 11.77 -4.68 -14.36
CA VAL A 87 10.72 -3.85 -14.93
C VAL A 87 11.32 -3.09 -16.10
N SER A 88 10.72 -3.27 -17.28
CA SER A 88 11.19 -2.62 -18.51
C SER A 88 12.70 -2.85 -18.71
N GLU A 89 13.10 -4.12 -18.53
CA GLU A 89 14.47 -4.58 -18.75
C GLU A 89 15.48 -3.98 -17.77
N VAL A 90 15.01 -3.45 -16.64
CA VAL A 90 15.88 -2.93 -15.59
C VAL A 90 15.58 -3.68 -14.30
N ILE A 91 16.63 -4.15 -13.64
CA ILE A 91 16.45 -4.85 -12.38
C ILE A 91 16.32 -3.83 -11.27
N ARG A 92 15.28 -3.99 -10.44
CA ARG A 92 14.94 -3.04 -9.40
C ARG A 92 14.55 -3.82 -8.16
N LYS A 93 14.48 -3.12 -7.03
CA LYS A 93 13.99 -3.71 -5.80
C LYS A 93 12.53 -3.29 -5.57
N ARG A 94 11.73 -4.22 -5.05
CA ARG A 94 10.34 -3.94 -4.75
C ARG A 94 10.01 -4.58 -3.41
N LEU A 95 9.23 -3.87 -2.59
CA LEU A 95 8.84 -4.42 -1.29
C LEU A 95 8.07 -5.73 -1.47
N ASP A 96 8.25 -6.63 -0.51
CA ASP A 96 7.71 -7.99 -0.54
C ASP A 96 6.42 -7.97 0.29
N THR A 97 5.27 -7.88 -0.39
CA THR A 97 3.99 -7.72 0.28
C THR A 97 3.75 -8.84 1.28
N LYS A 98 3.90 -10.10 0.85
CA LYS A 98 3.62 -11.22 1.73
C LYS A 98 4.52 -11.22 2.96
N SER A 99 5.81 -10.94 2.77
CA SER A 99 6.74 -10.93 3.91
C SER A 99 6.40 -9.83 4.91
N ILE A 100 5.99 -8.65 4.43
CA ILE A 100 5.60 -7.58 5.33
C ILE A 100 4.42 -8.00 6.19
N ILE A 101 3.41 -8.61 5.57
CA ILE A 101 2.23 -9.01 6.32
C ILE A 101 2.58 -10.14 7.29
N GLN A 102 3.45 -11.06 6.88
CA GLN A 102 3.87 -12.12 7.80
C GLN A 102 4.63 -11.55 8.99
N LEU A 103 5.53 -10.59 8.74
CA LEU A 103 6.23 -9.90 9.82
C LEU A 103 5.24 -9.29 10.80
N LEU A 104 4.26 -8.54 10.28
CA LEU A 104 3.29 -7.87 11.15
C LEU A 104 2.49 -8.87 11.97
N ARG A 105 2.15 -10.03 11.38
CA ARG A 105 1.38 -11.04 12.10
C ARG A 105 2.20 -11.73 13.18
N GLY A 106 3.52 -11.63 13.12
CA GLY A 106 4.36 -12.15 14.17
C GLY A 106 4.68 -11.20 15.31
N LEU A 107 4.26 -9.93 15.22
CA LEU A 107 4.60 -8.97 16.26
C LEU A 107 3.78 -9.22 17.51
N ASP A 108 4.35 -8.88 18.66
CA ASP A 108 3.60 -8.93 19.91
C ASP A 108 2.84 -7.63 20.17
N ALA A 109 3.06 -6.59 19.38
CA ALA A 109 2.30 -5.35 19.55
C ALA A 109 0.83 -5.61 19.25
N PRO A 110 -0.08 -5.22 20.13
CA PRO A 110 -1.50 -5.57 19.95
C PRO A 110 -2.19 -4.63 18.98
N PRO A 111 -3.34 -5.04 18.43
CA PRO A 111 -4.15 -4.08 17.65
C PRO A 111 -4.50 -2.90 18.54
N GLY A 112 -4.72 -1.75 17.89
CA GLY A 112 -4.85 -0.50 18.60
C GLY A 112 -3.55 0.22 18.82
N THR A 113 -2.41 -0.43 18.63
CA THR A 113 -1.13 0.28 18.64
C THR A 113 -1.10 1.29 17.49
N THR A 114 -0.58 2.49 17.77
CA THR A 114 -0.41 3.47 16.72
C THR A 114 0.89 3.20 15.97
N ALA A 115 0.83 3.23 14.64
CA ALA A 115 1.99 3.07 13.77
C ALA A 115 2.25 4.43 13.12
N TYR A 116 3.35 5.06 13.48
CA TYR A 116 3.77 6.32 12.87
C TYR A 116 4.57 5.99 11.62
N ILE A 117 4.15 6.51 10.47
CA ILE A 117 4.80 6.18 9.22
C ILE A 117 5.29 7.48 8.60
N GLU A 118 6.49 7.45 8.01
CA GLU A 118 6.99 8.66 7.39
C GLU A 118 6.21 8.96 6.12
N LYS A 119 5.67 10.17 6.04
CA LYS A 119 4.89 10.58 4.89
C LYS A 119 5.72 10.47 3.62
N SER A 120 5.17 9.81 2.60
CA SER A 120 5.88 9.54 1.37
C SER A 120 6.39 10.85 0.74
N SER A 121 7.64 10.84 0.29
CA SER A 121 8.20 11.98 -0.44
C SER A 121 9.27 11.51 -1.41
N PRO A 122 8.88 11.07 -2.60
CA PRO A 122 9.86 10.58 -3.58
C PRO A 122 10.84 11.67 -3.98
N PHE A 123 12.05 11.25 -4.42
CA PHE A 123 13.11 12.14 -4.86
C PHE A 123 12.88 12.62 -6.30
N PRO A 124 13.34 13.82 -6.65
CA PRO A 124 13.06 14.34 -8.01
C PRO A 124 13.75 13.55 -9.11
N THR A 125 15.00 13.16 -8.90
CA THR A 125 15.76 12.50 -9.95
C THR A 125 15.25 11.09 -10.23
N ASP A 126 14.27 10.61 -9.47
CA ASP A 126 13.69 9.30 -9.73
C ASP A 126 12.80 9.38 -10.96
N GLY A 127 12.80 8.33 -11.76
CA GLY A 127 11.99 8.26 -12.95
C GLY A 127 10.62 7.69 -12.67
N LYS A 128 9.87 7.51 -13.77
CA LYS A 128 8.57 6.86 -13.85
C LYS A 128 8.42 5.71 -12.86
N GLN A 129 9.23 4.67 -13.04
CA GLN A 129 9.10 3.49 -12.20
C GLN A 129 9.36 3.82 -10.73
N GLY A 130 10.27 4.77 -10.46
CA GLY A 130 10.61 5.08 -9.07
C GLY A 130 9.49 5.79 -8.33
N TRP A 131 8.78 6.69 -9.01
CA TRP A 131 7.64 7.36 -8.37
C TRP A 131 6.50 6.39 -8.16
N TRP A 132 6.22 5.55 -9.15
CA TRP A 132 5.28 4.45 -8.99
C TRP A 132 5.66 3.60 -7.79
N SER A 133 6.94 3.21 -7.72
CA SER A 133 7.41 2.29 -6.68
C SER A 133 7.30 2.90 -5.29
N THR A 134 7.58 4.19 -5.17
CA THR A 134 7.45 4.83 -3.85
C THR A 134 5.99 4.88 -3.41
N GLY A 135 5.08 5.18 -4.32
CA GLY A 135 3.67 5.12 -4.00
C GLY A 135 3.22 3.72 -3.66
N PHE A 136 3.65 2.73 -4.47
CA PHE A 136 3.36 1.32 -4.17
C PHE A 136 3.82 0.95 -2.77
N SER A 137 5.07 1.29 -2.43
CA SER A 137 5.58 0.99 -1.10
C SER A 137 4.70 1.59 -0.01
N TYR A 138 4.28 2.84 -0.20
CA TYR A 138 3.47 3.52 0.80
C TYR A 138 2.12 2.84 0.95
N GLY A 139 1.46 2.51 -0.17
CA GLY A 139 0.16 1.88 -0.09
C GLY A 139 0.23 0.48 0.49
N LEU A 140 1.25 -0.29 0.11
CA LEU A 140 1.45 -1.60 0.70
C LEU A 140 1.52 -1.52 2.21
N TRP A 141 2.35 -0.61 2.73
CA TRP A 141 2.55 -0.53 4.17
C TRP A 141 1.27 -0.06 4.87
N ILE A 142 0.61 0.94 4.33
CA ILE A 142 -0.57 1.49 5.01
C ILE A 142 -1.66 0.42 5.12
N ALA A 143 -2.00 -0.22 4.00
CA ALA A 143 -3.02 -1.26 4.04
C ALA A 143 -2.61 -2.42 4.94
N SER A 144 -1.34 -2.84 4.88
CA SER A 144 -0.87 -3.92 5.75
C SER A 144 -1.05 -3.58 7.22
N LEU A 145 -0.68 -2.36 7.62
CA LEU A 145 -0.83 -1.94 9.01
C LEU A 145 -2.29 -1.86 9.41
N VAL A 146 -3.14 -1.26 8.57
CA VAL A 146 -4.55 -1.13 8.92
C VAL A 146 -5.20 -2.51 9.06
N ALA A 147 -4.80 -3.45 8.20
CA ALA A 147 -5.41 -4.78 8.26
C ALA A 147 -4.98 -5.56 9.50
N SER A 148 -3.82 -5.23 10.06
CA SER A 148 -3.37 -5.81 11.33
C SER A 148 -4.00 -5.12 12.53
N GLY A 149 -4.89 -4.15 12.32
CA GLY A 149 -5.53 -3.50 13.44
C GLY A 149 -4.74 -2.35 14.06
N PHE A 150 -3.68 -1.88 13.41
CA PHE A 150 -2.94 -0.72 13.90
C PHE A 150 -3.54 0.56 13.34
N SER A 151 -3.40 1.65 14.10
CA SER A 151 -3.87 2.97 13.70
C SER A 151 -2.71 3.74 13.08
N VAL A 152 -2.81 4.05 11.80
CA VAL A 152 -1.71 4.64 11.05
C VAL A 152 -1.76 6.16 11.14
N VAL A 153 -0.63 6.77 11.49
CA VAL A 153 -0.52 8.22 11.57
C VAL A 153 0.67 8.66 10.73
N PRO A 154 0.45 9.27 9.57
CA PRO A 154 1.58 9.76 8.77
C PRO A 154 2.18 11.00 9.38
N ILE A 155 3.51 11.06 9.37
CA ILE A 155 4.29 12.14 9.94
C ILE A 155 5.29 12.60 8.89
N ALA A 156 5.29 13.89 8.57
CA ALA A 156 6.27 14.41 7.63
C ALA A 156 7.68 14.26 8.20
N SER A 157 8.65 13.96 7.33
CA SER A 157 10.01 13.81 7.81
C SER A 157 10.49 15.06 8.53
N GLN A 158 10.08 16.25 8.05
CA GLN A 158 10.51 17.49 8.69
C GLN A 158 10.00 17.58 10.13
N THR A 159 8.86 16.96 10.41
CA THR A 159 8.26 17.08 11.73
C THR A 159 9.04 16.28 12.77
N TRP A 160 9.28 15.01 12.52
CA TRP A 160 9.96 14.23 13.55
C TRP A 160 11.44 14.59 13.61
N LYS A 161 12.02 15.05 12.49
CA LYS A 161 13.41 15.49 12.55
C LYS A 161 13.56 16.76 13.40
N ALA A 162 12.63 17.71 13.26
CA ALA A 162 12.72 18.92 14.06
C ALA A 162 12.53 18.63 15.54
N TYR A 163 11.69 17.66 15.87
CA TYR A 163 11.49 17.26 17.25
C TYR A 163 12.79 16.83 17.91
N PHE A 164 13.64 16.12 17.18
CA PHE A 164 14.93 15.69 17.74
C PHE A 164 16.08 16.64 17.44
N GLY A 165 15.80 17.82 16.90
CA GLY A 165 16.91 18.70 16.54
C GLY A 165 17.78 18.19 15.41
N LEU A 166 17.25 17.32 14.54
CA LEU A 166 18.01 16.76 13.43
C LEU A 166 17.87 17.68 12.21
N MET A 167 18.50 18.84 12.34
CA MET A 167 18.48 19.90 11.34
C MET A 167 19.85 20.57 11.34
N ARG A 168 20.13 21.30 10.25
CA ARG A 168 21.29 22.19 10.14
C ARG A 168 22.61 21.43 10.20
N SER A 169 22.64 20.20 9.74
CA SER A 169 23.84 19.38 9.77
C SER A 169 24.21 18.90 8.37
N GLU A 170 25.51 18.90 8.08
CA GLU A 170 26.04 18.31 6.86
C GLU A 170 25.98 16.79 6.82
N THR A 171 25.73 16.11 7.93
CA THR A 171 25.72 14.64 7.96
C THR A 171 24.41 14.11 8.54
N PRO A 172 23.28 14.36 7.90
CA PRO A 172 21.99 13.99 8.51
C PRO A 172 21.84 12.50 8.70
N LYS A 173 22.39 11.69 7.80
CA LYS A 173 22.22 10.24 7.89
C LYS A 173 23.01 9.67 9.06
N ASP A 174 24.28 10.06 9.17
CA ASP A 174 25.07 9.73 10.35
C ASP A 174 24.40 10.21 11.64
N ASP A 175 23.86 11.43 11.62
CA ASP A 175 23.26 11.99 12.84
C ASP A 175 22.03 11.19 13.26
N SER A 176 21.24 10.72 12.29
N SER A 176 21.24 10.74 12.29
CA SER A 176 20.07 9.92 12.65
CA SER A 176 20.07 9.91 12.63
C SER A 176 20.47 8.60 13.29
C SER A 176 20.50 8.62 13.31
N ARG A 177 21.55 7.98 12.80
CA ARG A 177 22.04 6.75 13.44
C ARG A 177 22.61 7.02 14.81
N GLN A 178 23.29 8.17 15.00
CA GLN A 178 23.77 8.52 16.33
C GLN A 178 22.60 8.78 17.28
N ALA A 179 21.59 9.52 16.81
CA ALA A 179 20.44 9.82 17.64
C ALA A 179 19.72 8.55 18.07
N ALA A 180 19.48 7.63 17.13
CA ALA A 180 18.82 6.38 17.48
C ALA A 180 19.63 5.55 18.45
N SER A 181 20.97 5.57 18.32
N SER A 181 20.96 5.55 18.30
CA SER A 181 21.81 4.79 19.23
CA SER A 181 21.81 4.80 19.22
C SER A 181 21.84 5.40 20.61
C SER A 181 21.79 5.39 20.62
N ILE A 182 21.64 6.70 20.74
CA ILE A 182 21.57 7.32 22.06
C ILE A 182 20.27 6.94 22.75
N LEU A 183 19.17 6.98 21.99
CA LEU A 183 17.86 6.63 22.56
C LEU A 183 17.71 5.14 22.81
N PHE A 184 18.29 4.30 21.96
CA PHE A 184 18.16 2.86 22.04
C PHE A 184 19.56 2.25 22.03
N PRO A 185 20.29 2.37 23.13
CA PRO A 185 21.68 1.91 23.14
C PRO A 185 21.85 0.43 22.87
N ASP A 186 20.87 -0.42 23.16
CA ASP A 186 21.12 -1.82 22.84
C ASP A 186 21.05 -2.10 21.33
N LYS A 187 20.66 -1.09 20.54
CA LYS A 187 20.71 -1.16 19.07
C LYS A 187 22.01 -0.61 18.50
N ASP A 188 23.01 -0.25 19.32
CA ASP A 188 24.18 0.45 18.79
C ASP A 188 24.89 -0.36 17.71
N GLN A 189 25.01 -1.68 17.89
CA GLN A 189 25.67 -2.49 16.88
C GLN A 189 24.80 -2.70 15.64
N SER A 190 23.49 -2.68 15.81
CA SER A 190 22.57 -2.74 14.69
C SER A 190 22.44 -1.40 13.94
N LEU A 191 23.13 -0.36 14.40
CA LEU A 191 23.07 0.94 13.75
C LEU A 191 24.46 1.43 13.35
N LYS A 192 25.48 0.58 13.43
CA LYS A 192 26.84 1.07 13.23
C LYS A 192 27.25 1.23 11.77
N LEU A 193 26.47 0.73 10.81
CA LEU A 193 26.85 0.84 9.40
C LEU A 193 26.04 1.93 8.72
N LYS A 194 26.61 2.51 7.67
CA LYS A 194 25.90 3.53 6.89
C LYS A 194 24.56 3.02 6.37
N LYS A 195 24.50 1.75 5.95
CA LYS A 195 23.25 1.21 5.44
C LYS A 195 22.20 0.96 6.51
N HIS A 196 22.50 1.17 7.78
CA HIS A 196 21.51 1.05 8.85
C HIS A 196 20.73 2.33 9.05
N HIS A 197 20.87 3.29 8.12
CA HIS A 197 20.17 4.55 8.23
C HIS A 197 18.66 4.35 8.30
N GLY A 198 18.13 3.39 7.56
CA GLY A 198 16.69 3.13 7.58
C GLY A 198 16.20 2.59 8.92
N ARG A 199 16.97 1.70 9.55
CA ARG A 199 16.60 1.25 10.88
C ARG A 199 16.54 2.43 11.85
N ALA A 200 17.49 3.37 11.72
CA ALA A 200 17.52 4.53 12.61
C ALA A 200 16.25 5.38 12.45
N GLU A 201 15.86 5.67 11.20
CA GLU A 201 14.66 6.50 11.00
C GLU A 201 13.42 5.82 11.58
N ALA A 202 13.31 4.50 11.41
CA ALA A 202 12.16 3.79 11.97
C ALA A 202 12.12 3.90 13.48
N LEU A 203 13.27 3.71 14.15
CA LEU A 203 13.32 3.85 15.60
C LEU A 203 12.99 5.27 16.03
N LEU A 204 13.49 6.27 15.29
CA LEU A 204 13.24 7.66 15.67
C LEU A 204 11.78 8.04 15.49
N LEU A 205 11.13 7.53 14.44
CA LEU A 205 9.70 7.76 14.26
C LEU A 205 8.91 7.18 15.43
N ALA A 206 9.24 5.96 15.82
CA ALA A 206 8.58 5.36 16.98
C ALA A 206 8.89 6.16 18.24
N ALA A 207 10.14 6.62 18.40
CA ALA A 207 10.48 7.45 19.56
C ALA A 207 9.68 8.74 19.55
N TYR A 208 9.54 9.36 18.38
CA TYR A 208 8.71 10.55 18.26
C TYR A 208 7.28 10.26 18.72
N GLY A 209 6.71 9.16 18.26
CA GLY A 209 5.34 8.86 18.62
C GLY A 209 5.17 8.59 20.11
N LYS A 210 6.17 7.97 20.72
CA LYS A 210 6.14 7.71 22.15
C LYS A 210 6.45 8.95 22.96
N GLY A 211 6.95 10.01 22.33
CA GLY A 211 7.37 11.20 23.05
C GLY A 211 8.65 11.05 23.85
N LEU A 212 9.56 10.16 23.44
CA LEU A 212 10.84 10.04 24.12
C LEU A 212 11.66 11.31 23.93
N VAL A 213 12.53 11.60 24.88
CA VAL A 213 13.33 12.83 24.82
C VAL A 213 14.79 12.46 24.61
N LEU A 214 15.42 13.09 23.63
CA LEU A 214 16.83 12.93 23.35
C LEU A 214 17.61 13.95 24.18
N PRO A 215 18.54 13.52 25.04
CA PRO A 215 19.20 14.47 25.94
C PRO A 215 20.09 15.45 25.20
N SER A 216 20.31 16.61 25.84
CA SER A 216 21.16 17.65 25.29
C SER A 216 22.59 17.19 25.08
N GLY A 217 23.12 16.38 25.99
CA GLY A 217 24.49 15.97 25.87
C GLY A 217 24.77 14.67 26.59
N LYS A 218 26.02 14.23 26.46
CA LYS A 218 26.45 12.92 26.95
C LYS A 218 26.15 12.75 28.44
N PHE A 219 26.26 13.82 29.22
CA PHE A 219 26.05 13.76 30.68
C PHE A 219 24.85 14.62 31.11
N SER A 220 23.83 14.73 30.27
CA SER A 220 22.63 15.49 30.62
C SER A 220 21.56 14.58 31.19
N LEU B 33 4.51 -12.36 -7.26
CA LEU B 33 3.39 -13.30 -7.34
C LEU B 33 3.43 -14.27 -6.17
N ALA B 34 4.62 -14.83 -5.92
CA ALA B 34 4.83 -15.55 -4.66
C ALA B 34 4.83 -14.60 -3.47
N SER B 35 5.23 -13.34 -3.68
CA SER B 35 5.10 -12.31 -2.67
C SER B 35 3.68 -11.75 -2.57
N LEU B 36 2.73 -12.33 -3.31
CA LEU B 36 1.34 -11.88 -3.35
C LEU B 36 0.36 -13.00 -2.96
N SER B 37 0.74 -13.82 -1.98
CA SER B 37 -0.12 -14.89 -1.50
C SER B 37 0.37 -15.45 -0.18
N LEU B 38 -0.52 -15.54 0.80
CA LEU B 38 -0.17 -16.14 2.09
C LEU B 38 -0.42 -17.65 2.06
N GLY B 53 -14.54 -22.47 -7.28
CA GLY B 53 -15.17 -21.74 -8.36
C GLY B 53 -15.41 -20.26 -8.10
N TRP B 54 -14.77 -19.72 -7.06
CA TRP B 54 -14.84 -18.29 -6.78
C TRP B 54 -13.71 -17.56 -7.48
N VAL B 55 -13.98 -16.35 -7.95
CA VAL B 55 -12.93 -15.51 -8.51
C VAL B 55 -13.24 -14.05 -8.17
N ILE B 56 -12.19 -13.27 -7.88
CA ILE B 56 -12.29 -11.84 -7.64
C ILE B 56 -11.61 -11.11 -8.79
N GLY B 57 -12.18 -9.99 -9.22
CA GLY B 57 -11.51 -9.08 -10.13
C GLY B 57 -11.54 -7.67 -9.57
N VAL B 58 -10.42 -6.96 -9.74
CA VAL B 58 -10.27 -5.63 -9.14
C VAL B 58 -9.75 -4.65 -10.17
N ASP B 59 -10.43 -3.50 -10.29
CA ASP B 59 -9.88 -2.30 -10.90
C ASP B 59 -9.47 -1.38 -9.77
N PRO B 60 -8.16 -1.19 -9.52
CA PRO B 60 -7.74 -0.58 -8.26
C PRO B 60 -7.84 0.94 -8.19
N ASP B 61 -8.20 1.63 -9.26
CA ASP B 61 -8.06 3.09 -9.20
C ASP B 61 -9.28 3.72 -8.55
N ILE B 62 -9.15 5.02 -8.23
CA ILE B 62 -10.32 5.82 -7.96
C ILE B 62 -11.28 5.67 -9.12
N GLY B 63 -12.56 5.47 -8.81
CA GLY B 63 -13.52 5.13 -9.84
C GLY B 63 -13.48 3.68 -10.27
N GLY B 64 -12.62 2.86 -9.66
CA GLY B 64 -12.55 1.44 -9.95
C GLY B 64 -13.59 0.67 -9.17
N ALA B 65 -13.36 -0.63 -9.05
CA ALA B 65 -14.38 -1.51 -8.47
C ALA B 65 -13.77 -2.87 -8.17
N ILE B 66 -14.49 -3.66 -7.40
CA ILE B 66 -14.15 -5.05 -7.16
C ILE B 66 -15.35 -5.91 -7.50
N ALA B 67 -15.13 -6.97 -8.29
CA ALA B 67 -16.17 -7.91 -8.67
C ALA B 67 -15.89 -9.25 -8.01
N VAL B 68 -16.96 -9.96 -7.67
CA VAL B 68 -16.86 -11.30 -7.09
C VAL B 68 -17.77 -12.21 -7.90
N LEU B 69 -17.21 -13.28 -8.44
CA LEU B 69 -17.99 -14.31 -9.13
C LEU B 69 -18.02 -15.56 -8.27
N SER B 70 -19.22 -16.10 -8.05
CA SER B 70 -19.47 -17.28 -7.26
C SER B 70 -19.65 -18.51 -8.15
N PRO B 71 -19.47 -19.72 -7.61
CA PRO B 71 -19.62 -20.93 -8.44
C PRO B 71 -20.99 -21.05 -9.10
N ASP B 72 -22.04 -20.53 -8.46
CA ASP B 72 -23.41 -20.68 -8.98
C ASP B 72 -23.73 -19.73 -10.13
N GLY B 73 -22.72 -19.05 -10.70
CA GLY B 73 -22.92 -18.14 -11.80
C GLY B 73 -23.22 -16.71 -11.41
N SER B 74 -23.62 -16.46 -10.17
CA SER B 74 -23.99 -15.11 -9.76
C SER B 74 -22.76 -14.22 -9.67
N SER B 75 -22.99 -12.91 -9.76
CA SER B 75 -21.92 -11.93 -9.75
C SER B 75 -22.32 -10.74 -8.88
N GLN B 76 -21.33 -10.17 -8.19
CA GLN B 76 -21.51 -8.93 -7.46
C GLN B 76 -20.40 -7.97 -7.84
N VAL B 77 -20.70 -6.67 -7.83
CA VAL B 77 -19.69 -5.65 -8.09
C VAL B 77 -19.93 -4.47 -7.16
N PHE B 78 -18.84 -3.95 -6.60
CA PHE B 78 -18.88 -2.87 -5.62
C PHE B 78 -17.91 -1.78 -6.06
N ASP B 79 -18.37 -0.53 -6.02
CA ASP B 79 -17.50 0.60 -6.33
C ASP B 79 -16.43 0.79 -5.24
N ASN B 80 -15.27 1.26 -5.65
CA ASN B 80 -14.18 1.48 -4.70
C ASN B 80 -14.51 2.64 -3.77
N PRO B 81 -14.44 2.44 -2.46
CA PRO B 81 -14.69 3.55 -1.54
C PRO B 81 -13.51 4.52 -1.52
N PHE B 82 -13.83 5.81 -1.38
CA PHE B 82 -12.79 6.83 -1.36
C PHE B 82 -13.10 7.88 -0.31
N VAL B 83 -12.07 8.67 0.00
CA VAL B 83 -12.20 9.82 0.88
C VAL B 83 -11.60 11.02 0.16
N HIS B 84 -11.92 12.21 0.67
CA HIS B 84 -11.40 13.47 0.13
C HIS B 84 -10.25 13.95 1.01
N ILE B 85 -9.13 14.29 0.38
CA ILE B 85 -7.99 14.93 1.04
C ILE B 85 -7.75 16.26 0.35
N VAL B 86 -7.25 17.23 1.09
CA VAL B 86 -7.00 18.57 0.57
C VAL B 86 -5.51 18.69 0.26
N VAL B 87 -5.18 19.00 -1.00
CA VAL B 87 -3.81 19.30 -1.41
C VAL B 87 -3.83 20.72 -2.01
N SER B 88 -2.84 21.53 -1.62
CA SER B 88 -2.88 22.97 -1.86
C SER B 88 -4.25 23.44 -1.35
N GLU B 89 -5.05 24.14 -2.15
CA GLU B 89 -6.40 24.49 -1.78
C GLU B 89 -7.43 23.71 -2.60
N VAL B 90 -7.06 22.53 -3.07
CA VAL B 90 -7.94 21.73 -3.92
C VAL B 90 -8.19 20.38 -3.25
N ILE B 91 -9.37 19.84 -3.50
CA ILE B 91 -9.76 18.56 -2.93
C ILE B 91 -9.45 17.45 -3.95
N ARG B 92 -8.75 16.42 -3.48
CA ARG B 92 -8.45 15.25 -4.28
C ARG B 92 -9.07 14.03 -3.62
N LYS B 93 -9.17 12.96 -4.38
CA LYS B 93 -9.71 11.70 -3.88
C LYS B 93 -8.57 10.72 -3.63
N ARG B 94 -8.71 9.94 -2.56
CA ARG B 94 -7.84 8.80 -2.30
C ARG B 94 -8.72 7.64 -1.86
N LEU B 95 -8.25 6.43 -2.15
CA LEU B 95 -8.95 5.25 -1.68
C LEU B 95 -9.07 5.27 -0.16
N ASP B 96 -10.12 4.62 0.35
CA ASP B 96 -10.46 4.57 1.77
C ASP B 96 -10.02 3.20 2.30
N THR B 97 -8.85 3.15 2.94
CA THR B 97 -8.24 1.88 3.33
C THR B 97 -9.12 1.10 4.30
N LYS B 98 -9.58 1.75 5.36
CA LYS B 98 -10.47 1.12 6.33
C LYS B 98 -11.69 0.49 5.65
N SER B 99 -12.34 1.24 4.75
CA SER B 99 -13.54 0.74 4.10
C SER B 99 -13.23 -0.41 3.16
N ILE B 100 -12.09 -0.35 2.45
CA ILE B 100 -11.71 -1.46 1.58
C ILE B 100 -11.52 -2.74 2.39
N ILE B 101 -10.84 -2.65 3.52
CA ILE B 101 -10.60 -3.85 4.33
C ILE B 101 -11.91 -4.41 4.87
N GLN B 102 -12.79 -3.53 5.36
CA GLN B 102 -14.09 -3.98 5.84
C GLN B 102 -14.89 -4.65 4.73
N LEU B 103 -14.86 -4.07 3.53
CA LEU B 103 -15.52 -4.67 2.37
C LEU B 103 -14.99 -6.07 2.10
N LEU B 104 -13.67 -6.21 2.02
CA LEU B 104 -13.08 -7.52 1.73
C LEU B 104 -13.46 -8.55 2.79
N ARG B 105 -13.48 -8.14 4.06
CA ARG B 105 -13.78 -9.09 5.13
C ARG B 105 -15.23 -9.56 5.09
N GLY B 106 -16.12 -8.77 4.50
CA GLY B 106 -17.52 -9.10 4.35
C GLY B 106 -17.89 -9.82 3.07
N LEU B 107 -16.92 -10.17 2.23
CA LEU B 107 -17.23 -10.88 0.99
C LEU B 107 -17.60 -12.34 1.26
N ASP B 108 -18.40 -12.87 0.35
CA ASP B 108 -18.83 -14.27 0.40
C ASP B 108 -17.71 -15.22 0.00
N ALA B 109 -16.73 -14.76 -0.78
CA ALA B 109 -15.67 -15.63 -1.25
C ALA B 109 -14.84 -16.14 -0.08
N PRO B 110 -14.40 -17.40 -0.11
CA PRO B 110 -13.64 -17.96 1.00
C PRO B 110 -12.16 -17.66 0.85
N PRO B 111 -11.37 -17.86 1.91
CA PRO B 111 -9.93 -17.59 1.82
C PRO B 111 -9.29 -18.45 0.74
N GLY B 112 -8.19 -17.91 0.18
CA GLY B 112 -7.53 -18.56 -0.93
C GLY B 112 -8.12 -18.26 -2.29
N THR B 113 -9.28 -17.62 -2.35
CA THR B 113 -9.82 -17.19 -3.63
C THR B 113 -8.83 -16.29 -4.35
N THR B 114 -8.65 -16.52 -5.65
CA THR B 114 -7.73 -15.72 -6.43
C THR B 114 -8.40 -14.42 -6.89
N ALA B 115 -7.65 -13.32 -6.78
CA ALA B 115 -8.11 -12.00 -7.21
C ALA B 115 -7.26 -11.58 -8.40
N TYR B 116 -7.90 -11.35 -9.54
CA TYR B 116 -7.19 -10.90 -10.73
C TYR B 116 -7.22 -9.38 -10.80
N ILE B 117 -6.08 -8.80 -11.18
CA ILE B 117 -5.93 -7.35 -11.23
C ILE B 117 -5.02 -7.02 -12.40
N GLU B 118 -5.30 -5.91 -13.09
CA GLU B 118 -4.43 -5.55 -14.20
C GLU B 118 -3.06 -5.16 -13.69
N LYS B 119 -2.01 -5.74 -14.29
CA LYS B 119 -0.64 -5.44 -13.88
C LYS B 119 -0.38 -3.95 -14.02
N SER B 120 -0.03 -3.30 -12.92
CA SER B 120 0.04 -1.84 -12.90
C SER B 120 1.38 -1.34 -13.42
N SER B 121 1.31 -0.27 -14.20
CA SER B 121 2.46 0.43 -14.75
C SER B 121 2.17 1.92 -14.66
N PRO B 122 3.20 2.75 -14.47
CA PRO B 122 3.00 4.19 -14.57
C PRO B 122 2.57 4.57 -15.98
N PHE B 123 1.54 5.40 -16.07
CA PHE B 123 1.05 5.83 -17.39
C PHE B 123 2.02 6.85 -17.99
N PRO B 124 2.51 6.61 -19.22
CA PRO B 124 3.64 7.42 -19.73
C PRO B 124 3.36 8.92 -19.77
N THR B 125 2.15 9.34 -20.17
CA THR B 125 1.83 10.76 -20.26
C THR B 125 1.41 11.37 -18.92
N ASP B 126 1.26 10.58 -17.87
CA ASP B 126 0.98 11.16 -16.57
C ASP B 126 2.19 11.92 -16.06
N GLY B 127 1.96 12.79 -15.08
CA GLY B 127 3.04 13.42 -14.35
C GLY B 127 3.45 12.59 -13.14
N LYS B 128 4.42 13.13 -12.41
CA LYS B 128 4.99 12.41 -11.27
C LYS B 128 3.93 12.10 -10.22
N GLN B 129 3.07 13.07 -9.90
CA GLN B 129 2.04 12.85 -8.91
C GLN B 129 1.07 11.75 -9.35
N GLY B 130 0.81 11.66 -10.66
CA GLY B 130 -0.04 10.60 -11.16
C GLY B 130 0.63 9.23 -11.09
N TRP B 131 1.92 9.16 -11.41
CA TRP B 131 2.65 7.90 -11.25
C TRP B 131 2.60 7.43 -9.81
N TRP B 132 2.85 8.34 -8.86
CA TRP B 132 2.75 8.01 -7.44
C TRP B 132 1.37 7.49 -7.10
N SER B 133 0.33 8.19 -7.58
CA SER B 133 -1.04 7.82 -7.20
C SER B 133 -1.42 6.45 -7.76
N THR B 134 -0.94 6.14 -8.97
CA THR B 134 -1.20 4.84 -9.56
C THR B 134 -0.59 3.74 -8.71
N GLY B 135 0.67 3.91 -8.31
CA GLY B 135 1.31 2.91 -7.48
C GLY B 135 0.70 2.82 -6.10
N PHE B 136 0.31 3.96 -5.53
CA PHE B 136 -0.30 3.95 -4.22
C PHE B 136 -1.59 3.14 -4.21
N SER B 137 -2.49 3.40 -5.16
CA SER B 137 -3.77 2.69 -5.20
C SER B 137 -3.56 1.20 -5.43
N TYR B 138 -2.59 0.87 -6.27
CA TYR B 138 -2.28 -0.53 -6.56
C TYR B 138 -1.74 -1.25 -5.31
N GLY B 139 -0.79 -0.63 -4.61
CA GLY B 139 -0.25 -1.25 -3.41
C GLY B 139 -1.27 -1.37 -2.30
N LEU B 140 -2.13 -0.36 -2.15
CA LEU B 140 -3.19 -0.43 -1.16
C LEU B 140 -4.07 -1.66 -1.40
N TRP B 141 -4.45 -1.87 -2.66
CA TRP B 141 -5.31 -3.00 -2.99
C TRP B 141 -4.57 -4.32 -2.86
N ILE B 142 -3.32 -4.38 -3.32
CA ILE B 142 -2.58 -5.64 -3.28
C ILE B 142 -2.41 -6.09 -1.84
N ALA B 143 -2.01 -5.17 -0.96
CA ALA B 143 -1.80 -5.54 0.44
C ALA B 143 -3.12 -5.86 1.12
N SER B 144 -4.18 -5.12 0.81
CA SER B 144 -5.48 -5.41 1.42
C SER B 144 -5.94 -6.82 1.06
N LEU B 145 -5.80 -7.20 -0.21
CA LEU B 145 -6.24 -8.52 -0.67
C LEU B 145 -5.40 -9.62 -0.03
N VAL B 146 -4.08 -9.47 -0.04
CA VAL B 146 -3.21 -10.48 0.57
C VAL B 146 -3.51 -10.59 2.06
N ALA B 147 -3.60 -9.45 2.74
CA ALA B 147 -3.85 -9.50 4.19
C ALA B 147 -5.21 -10.08 4.53
N SER B 148 -6.16 -10.04 3.59
CA SER B 148 -7.50 -10.55 3.82
C SER B 148 -7.65 -12.00 3.37
N GLY B 149 -6.55 -12.65 3.00
CA GLY B 149 -6.56 -14.08 2.72
C GLY B 149 -6.72 -14.45 1.26
N PHE B 150 -6.65 -13.50 0.35
CA PHE B 150 -6.82 -13.80 -1.07
C PHE B 150 -5.47 -13.86 -1.77
N SER B 151 -5.42 -14.60 -2.87
CA SER B 151 -4.23 -14.67 -3.70
C SER B 151 -4.40 -13.70 -4.85
N VAL B 152 -3.38 -12.90 -5.13
CA VAL B 152 -3.43 -11.89 -6.17
C VAL B 152 -2.65 -12.38 -7.39
N VAL B 153 -3.26 -12.28 -8.56
CA VAL B 153 -2.63 -12.62 -9.83
C VAL B 153 -2.73 -11.41 -10.74
N PRO B 154 -1.63 -10.67 -10.92
CA PRO B 154 -1.64 -9.56 -11.87
C PRO B 154 -1.58 -10.06 -13.31
N ILE B 155 -2.34 -9.40 -14.19
CA ILE B 155 -2.49 -9.82 -15.58
C ILE B 155 -2.17 -8.62 -16.47
N ALA B 156 -1.30 -8.83 -17.46
CA ALA B 156 -0.94 -7.74 -18.35
C ALA B 156 -2.17 -7.20 -19.06
N SER B 157 -2.19 -5.87 -19.26
CA SER B 157 -3.33 -5.23 -19.91
C SER B 157 -3.65 -5.86 -21.25
N GLN B 158 -2.65 -5.99 -22.11
CA GLN B 158 -2.86 -6.56 -23.43
C GLN B 158 -3.25 -8.02 -23.37
N THR B 159 -2.91 -8.72 -22.28
CA THR B 159 -3.28 -10.12 -22.16
C THR B 159 -4.78 -10.29 -21.96
N TRP B 160 -5.36 -9.58 -20.99
CA TRP B 160 -6.78 -9.77 -20.73
C TRP B 160 -7.63 -9.06 -21.77
N LYS B 161 -7.15 -7.96 -22.33
CA LYS B 161 -7.92 -7.30 -23.39
C LYS B 161 -7.99 -8.16 -24.64
N ALA B 162 -6.87 -8.79 -25.02
CA ALA B 162 -6.88 -9.65 -26.20
C ALA B 162 -7.83 -10.80 -26.02
N TYR B 163 -7.92 -11.32 -24.79
CA TYR B 163 -8.81 -12.44 -24.51
C TYR B 163 -10.27 -12.10 -24.81
N PHE B 164 -10.64 -10.82 -24.73
CA PHE B 164 -11.99 -10.39 -25.04
C PHE B 164 -12.07 -9.59 -26.33
N GLY B 165 -11.02 -9.65 -27.16
CA GLY B 165 -11.02 -8.90 -28.41
C GLY B 165 -11.00 -7.40 -28.24
N LEU B 166 -10.57 -6.90 -27.08
CA LEU B 166 -10.56 -5.48 -26.79
C LEU B 166 -9.22 -4.83 -27.08
N MET B 167 -8.25 -5.58 -27.56
CA MET B 167 -6.92 -5.01 -27.79
C MET B 167 -6.95 -4.02 -28.95
N ARG B 168 -7.66 -4.35 -30.01
CA ARG B 168 -7.82 -3.43 -31.14
C ARG B 168 -9.12 -2.64 -31.00
N SER B 169 -9.20 -1.87 -29.90
CA SER B 169 -10.38 -1.07 -29.59
C SER B 169 -9.98 0.40 -29.46
N GLU B 170 -10.74 1.27 -30.13
CA GLU B 170 -10.48 2.70 -30.08
C GLU B 170 -11.30 3.42 -29.02
N THR B 171 -12.30 2.76 -28.43
CA THR B 171 -13.07 3.32 -27.32
C THR B 171 -13.10 2.30 -26.18
N PRO B 172 -11.97 2.08 -25.52
CA PRO B 172 -11.90 0.95 -24.58
C PRO B 172 -12.88 1.03 -23.42
N LYS B 173 -13.14 2.21 -22.87
CA LYS B 173 -14.07 2.30 -21.74
C LYS B 173 -15.47 1.87 -22.16
N ASP B 174 -16.02 2.47 -23.23
CA ASP B 174 -17.33 2.08 -23.74
C ASP B 174 -17.35 0.61 -24.13
N ASP B 175 -16.31 0.13 -24.82
CA ASP B 175 -16.33 -1.26 -25.29
C ASP B 175 -16.21 -2.24 -24.14
N SER B 176 -15.50 -1.88 -23.06
CA SER B 176 -15.44 -2.78 -21.91
C SER B 176 -16.81 -2.91 -21.25
N ARG B 177 -17.57 -1.81 -21.18
CA ARG B 177 -18.90 -1.88 -20.59
C ARG B 177 -19.81 -2.78 -21.43
N GLN B 178 -19.66 -2.73 -22.76
CA GLN B 178 -20.47 -3.59 -23.62
C GLN B 178 -20.07 -5.05 -23.46
N ALA B 179 -18.76 -5.33 -23.45
CA ALA B 179 -18.30 -6.71 -23.26
C ALA B 179 -18.77 -7.26 -21.92
N ALA B 180 -18.62 -6.48 -20.85
CA ALA B 180 -19.07 -6.92 -19.54
C ALA B 180 -20.58 -7.16 -19.50
N SER B 181 -21.35 -6.32 -20.19
CA SER B 181 -22.81 -6.48 -20.15
C SER B 181 -23.25 -7.74 -20.89
N ILE B 182 -22.51 -8.14 -21.94
CA ILE B 182 -22.80 -9.41 -22.61
C ILE B 182 -22.45 -10.59 -21.71
N LEU B 183 -21.33 -10.52 -20.99
CA LEU B 183 -20.92 -11.65 -20.16
C LEU B 183 -21.78 -11.77 -18.92
N PHE B 184 -22.27 -10.65 -18.39
CA PHE B 184 -23.05 -10.62 -17.14
C PHE B 184 -24.32 -9.83 -17.41
N PRO B 185 -25.32 -10.45 -18.03
CA PRO B 185 -26.53 -9.69 -18.38
C PRO B 185 -27.28 -9.17 -17.16
N ASP B 186 -27.20 -9.84 -16.01
CA ASP B 186 -27.82 -9.25 -14.82
C ASP B 186 -27.09 -8.01 -14.31
N LYS B 187 -25.98 -7.62 -14.92
CA LYS B 187 -25.29 -6.38 -14.60
C LYS B 187 -25.56 -5.30 -15.65
N ASP B 188 -26.42 -5.59 -16.63
CA ASP B 188 -26.64 -4.68 -17.73
C ASP B 188 -27.06 -3.30 -17.25
N GLN B 189 -27.89 -3.23 -16.21
CA GLN B 189 -28.35 -1.95 -15.68
C GLN B 189 -27.28 -1.25 -14.86
N SER B 190 -26.28 -1.97 -14.36
CA SER B 190 -25.19 -1.36 -13.60
C SER B 190 -24.00 -1.00 -14.47
N LEU B 191 -24.13 -1.12 -15.79
CA LEU B 191 -23.05 -0.86 -16.72
C LEU B 191 -23.44 0.15 -17.81
N LYS B 192 -24.60 0.79 -17.70
CA LYS B 192 -25.14 1.58 -18.79
C LYS B 192 -24.67 3.04 -18.79
N LEU B 193 -23.95 3.48 -17.76
CA LEU B 193 -23.41 4.83 -17.73
C LEU B 193 -21.92 4.80 -18.02
N LYS B 194 -21.44 5.87 -18.66
CA LYS B 194 -20.00 6.02 -18.91
C LYS B 194 -19.16 5.82 -17.64
N LYS B 195 -19.62 6.35 -16.51
CA LYS B 195 -18.87 6.24 -15.26
C LYS B 195 -18.72 4.80 -14.78
N HIS B 196 -19.39 3.83 -15.39
CA HIS B 196 -19.37 2.46 -14.93
C HIS B 196 -18.25 1.63 -15.54
N HIS B 197 -17.31 2.26 -16.24
CA HIS B 197 -16.24 1.51 -16.87
C HIS B 197 -15.32 0.83 -15.86
N GLY B 198 -15.30 1.31 -14.61
CA GLY B 198 -14.54 0.64 -13.57
C GLY B 198 -15.19 -0.67 -13.16
N ARG B 199 -16.51 -0.67 -12.96
CA ARG B 199 -17.22 -1.92 -12.73
C ARG B 199 -16.94 -2.92 -13.84
N ALA B 200 -16.90 -2.44 -15.08
CA ALA B 200 -16.72 -3.32 -16.24
C ALA B 200 -15.33 -3.95 -16.23
N GLU B 201 -14.29 -3.16 -15.95
CA GLU B 201 -12.95 -3.75 -15.89
C GLU B 201 -12.86 -4.80 -14.80
N ALA B 202 -13.41 -4.50 -13.62
CA ALA B 202 -13.38 -5.47 -12.53
C ALA B 202 -14.06 -6.77 -12.95
N LEU B 203 -15.21 -6.67 -13.61
CA LEU B 203 -15.93 -7.87 -14.02
C LEU B 203 -15.16 -8.64 -15.07
N LEU B 204 -14.56 -7.92 -16.02
CA LEU B 204 -13.82 -8.59 -17.09
C LEU B 204 -12.56 -9.27 -16.58
N LEU B 205 -11.90 -8.68 -15.57
CA LEU B 205 -10.74 -9.34 -14.98
C LEU B 205 -11.15 -10.64 -14.30
N ALA B 206 -12.26 -10.62 -13.57
CA ALA B 206 -12.78 -11.85 -12.97
C ALA B 206 -13.23 -12.84 -14.03
N ALA B 207 -13.86 -12.35 -15.10
CA ALA B 207 -14.25 -13.24 -16.19
C ALA B 207 -13.01 -13.91 -16.80
N TYR B 208 -11.95 -13.12 -17.01
CA TYR B 208 -10.69 -13.68 -17.49
C TYR B 208 -10.20 -14.78 -16.58
N GLY B 209 -10.21 -14.53 -15.27
CA GLY B 209 -9.69 -15.51 -14.32
C GLY B 209 -10.54 -16.76 -14.25
N LYS B 210 -11.86 -16.61 -14.37
CA LYS B 210 -12.76 -17.75 -14.38
C LYS B 210 -12.75 -18.49 -15.72
N GLY B 211 -12.22 -17.87 -16.77
CA GLY B 211 -12.18 -18.51 -18.07
C GLY B 211 -13.45 -18.40 -18.87
N LEU B 212 -14.27 -17.39 -18.64
CA LEU B 212 -15.47 -17.20 -19.45
C LEU B 212 -15.10 -16.73 -20.85
N VAL B 213 -15.95 -17.07 -21.82
CA VAL B 213 -15.70 -16.73 -23.22
C VAL B 213 -16.81 -15.80 -23.69
N LEU B 214 -16.44 -14.79 -24.47
CA LEU B 214 -17.34 -13.73 -24.86
C LEU B 214 -18.49 -14.19 -25.75
#